data_1Q3A
#
_entry.id   1Q3A
#
_cell.length_a   117.152
_cell.length_b   61.141
_cell.length_c   68.588
_cell.angle_alpha   90.00
_cell.angle_beta   108.68
_cell.angle_gamma   90.00
#
_symmetry.space_group_name_H-M   'C 1 2 1'
#
loop_
_entity.id
_entity.type
_entity.pdbx_description
1 polymer Stromelysin-2
2 non-polymer 'ZINC ION'
3 non-polymer 'CALCIUM ION'
4 non-polymer 'N-ISOBUTYL-N-[4-METHOXYPHENYLSULFONYL]GLYCYL HYDROXAMIC ACID'
5 water water
#
_entity_poly.entity_id   1
_entity_poly.type   'polypeptide(L)'
_entity_poly.pdbx_seq_one_letter_code
;FSSFPGMPKWRKTHLTYRIVNYTPDLPRDAVDSAIEKALKVWEEVTPLTFSRLYEGEADIMISFAVKEHGDNYSFDGPGH
SLAHAYPPGPGLYGDIHFDDDEKWTEDASGTNLFLVAAHELGHSLGLFHSANTEALMYPLYNSFTELAQFRLSQDDVNGI
QSLYG
;
_entity_poly.pdbx_strand_id   A,B,C
#
loop_
_chem_comp.id
_chem_comp.type
_chem_comp.name
_chem_comp.formula
CA non-polymer 'CALCIUM ION' 'Ca 2'
NGH non-polymer 'N-ISOBUTYL-N-[4-METHOXYPHENYLSULFONYL]GLYCYL HYDROXAMIC ACID' 'C13 H20 N2 O5 S'
ZN non-polymer 'ZINC ION' 'Zn 2'
#
# COMPACT_ATOMS: atom_id res chain seq x y z
N MET A 7 5.48 19.06 -11.72
CA MET A 7 6.51 19.28 -10.65
C MET A 7 6.49 20.72 -10.10
N PRO A 8 5.27 21.24 -9.85
CA PRO A 8 5.10 22.52 -9.15
C PRO A 8 5.96 22.64 -7.88
N LYS A 9 6.74 23.70 -7.82
CA LYS A 9 7.13 24.22 -6.53
C LYS A 9 6.46 25.59 -6.37
N TRP A 10 6.20 25.98 -5.13
CA TRP A 10 5.99 27.40 -4.82
C TRP A 10 7.23 28.12 -5.31
N ARG A 11 7.02 29.26 -5.99
CA ARG A 11 8.16 30.01 -6.48
C ARG A 11 8.62 31.06 -5.48
N LYS A 12 8.29 30.83 -4.21
CA LYS A 12 8.66 31.75 -3.16
C LYS A 12 9.62 31.03 -2.25
N THR A 13 10.04 31.69 -1.19
CA THR A 13 10.73 30.93 -0.16
C THR A 13 9.99 31.16 1.16
N HIS A 14 9.15 32.19 1.17
CA HIS A 14 8.26 32.44 2.29
C HIS A 14 6.76 32.32 1.99
N LEU A 15 6.10 31.49 2.80
CA LEU A 15 4.72 31.08 2.53
C LEU A 15 3.88 31.32 3.78
N THR A 16 2.67 31.88 3.59
CA THR A 16 1.80 32.10 4.75
C THR A 16 0.81 30.98 4.83
N TYR A 17 0.27 30.75 6.04
CA TYR A 17 -0.81 29.78 6.18
C TYR A 17 -1.96 30.36 7.00
N ARG A 18 -3.13 29.77 6.84
CA ARG A 18 -4.26 30.23 7.64
C ARG A 18 -5.12 29.08 8.08
N ILE A 19 -5.31 28.96 9.38
CA ILE A 19 -6.16 27.92 9.93
C ILE A 19 -7.52 28.56 9.97
N VAL A 20 -8.22 28.45 8.83
CA VAL A 20 -9.50 29.11 8.72
C VAL A 20 -10.55 28.70 9.73
N ASN A 21 -10.60 27.42 10.12
CA ASN A 21 -11.60 26.94 11.10
C ASN A 21 -11.09 25.89 12.08
N TYR A 22 -11.84 25.62 13.14
CA TYR A 22 -11.54 24.53 14.11
C TYR A 22 -12.62 23.46 14.28
N THR A 23 -12.12 22.23 14.28
CA THR A 23 -12.86 21.04 14.68
C THR A 23 -13.19 21.00 16.18
N PRO A 24 -14.40 20.54 16.48
CA PRO A 24 -14.83 20.22 17.85
C PRO A 24 -14.03 19.09 18.54
N ASP A 25 -13.46 18.17 17.75
CA ASP A 25 -12.67 17.04 18.24
C ASP A 25 -11.62 17.35 19.33
N LEU A 26 -11.08 18.56 19.29
CA LEU A 26 -9.92 18.89 20.10
C LEU A 26 -9.92 20.33 20.56
N PRO A 27 -9.15 20.59 21.62
CA PRO A 27 -8.94 21.97 22.08
C PRO A 27 -8.07 22.69 21.06
N ARG A 28 -8.44 23.94 20.70
CA ARG A 28 -7.62 24.83 19.85
C ARG A 28 -6.12 24.72 19.89
N ASP A 29 -5.56 24.55 21.09
CA ASP A 29 -4.13 24.56 21.09
C ASP A 29 -3.51 23.17 20.99
N ALA A 30 -4.38 22.17 20.85
CA ALA A 30 -3.96 20.87 20.34
C ALA A 30 -3.94 20.96 18.82
N VAL A 31 -4.96 21.62 18.25
CA VAL A 31 -5.04 21.81 16.81
C VAL A 31 -3.86 22.63 16.29
N ASP A 32 -3.66 23.81 16.88
CA ASP A 32 -2.56 24.68 16.43
C ASP A 32 -1.23 23.96 16.52
N SER A 33 -1.11 23.17 17.58
CA SER A 33 0.12 22.58 18.08
C SER A 33 0.50 21.47 17.11
N ALA A 34 -0.49 20.66 16.74
CA ALA A 34 -0.36 19.57 15.78
C ALA A 34 0.06 20.01 14.40
N ILE A 35 -0.46 21.17 13.97
CA ILE A 35 -0.13 21.77 12.69
C ILE A 35 1.19 22.56 12.75
N GLU A 36 1.42 23.32 13.83
CA GLU A 36 2.71 24.00 13.92
C GLU A 36 3.80 22.97 13.72
N LYS A 37 3.87 21.99 14.63
CA LYS A 37 4.67 20.78 14.46
C LYS A 37 4.81 20.25 13.04
N ALA A 38 3.68 20.19 12.31
CA ALA A 38 3.63 19.62 10.95
C ALA A 38 4.52 20.41 10.02
N LEU A 39 4.42 21.73 10.15
CA LEU A 39 5.21 22.68 9.34
C LEU A 39 6.70 22.53 9.66
N LYS A 40 7.02 22.31 10.95
CA LYS A 40 8.39 22.06 11.41
C LYS A 40 9.10 20.86 10.75
N VAL A 41 8.38 19.74 10.59
CA VAL A 41 8.83 18.60 9.76
C VAL A 41 9.42 19.12 8.47
N TRP A 42 8.61 19.91 7.79
CA TRP A 42 8.95 20.40 6.47
C TRP A 42 9.94 21.56 6.57
N GLU A 43 9.61 22.60 7.32
CA GLU A 43 10.59 23.66 7.59
C GLU A 43 12.05 23.15 7.63
N GLU A 44 12.41 22.31 8.61
CA GLU A 44 13.78 21.77 8.81
C GLU A 44 14.49 20.93 7.71
N VAL A 45 13.93 20.88 6.51
CA VAL A 45 14.61 20.16 5.43
C VAL A 45 14.53 20.98 4.13
N THR A 46 14.01 22.19 4.27
CA THR A 46 13.85 23.11 3.17
C THR A 46 14.42 24.46 3.62
N PRO A 47 14.65 25.36 2.67
CA PRO A 47 14.85 26.79 2.96
C PRO A 47 13.52 27.54 2.90
N LEU A 48 12.42 26.80 3.09
CA LEU A 48 11.09 27.38 3.19
C LEU A 48 10.81 27.76 4.64
N THR A 49 10.13 28.89 4.79
CA THR A 49 9.62 29.31 6.09
C THR A 49 8.12 29.57 6.00
N PHE A 50 7.49 29.59 7.17
CA PHE A 50 6.05 29.68 7.23
C PHE A 50 5.64 30.71 8.29
N SER A 51 4.69 31.59 7.93
CA SER A 51 4.16 32.55 8.90
C SER A 51 2.67 32.55 8.76
N ARG A 52 1.97 32.79 9.87
CA ARG A 52 0.54 32.54 9.92
C ARG A 52 -0.26 33.81 9.69
N LEU A 53 -1.36 33.63 8.94
CA LEU A 53 -2.34 34.68 8.67
C LEU A 53 -3.59 34.43 9.53
N TYR A 54 -4.30 35.51 9.91
CA TYR A 54 -5.60 35.40 10.63
C TYR A 54 -6.78 36.02 9.86
N GLU A 55 -6.47 36.66 8.73
CA GLU A 55 -7.42 37.41 7.90
C GLU A 55 -6.65 37.67 6.61
N GLY A 56 -7.31 37.52 5.46
CA GLY A 56 -6.63 37.67 4.16
C GLY A 56 -6.53 36.33 3.46
N GLU A 57 -5.70 36.26 2.42
CA GLU A 57 -5.47 34.98 1.72
C GLU A 57 -4.03 34.58 1.94
N ALA A 58 -3.87 33.49 2.68
CA ALA A 58 -2.56 32.88 2.87
C ALA A 58 -2.36 31.95 1.69
N ASP A 59 -1.10 31.60 1.44
CA ASP A 59 -0.77 30.55 0.49
C ASP A 59 -1.47 29.24 0.85
N ILE A 60 -1.43 28.86 2.14
CA ILE A 60 -1.99 27.59 2.61
C ILE A 60 -3.10 27.82 3.65
N MET A 61 -4.32 27.90 3.14
CA MET A 61 -5.59 27.83 3.87
C MET A 61 -5.95 26.38 4.28
N ILE A 62 -5.89 26.13 5.58
CA ILE A 62 -6.18 24.83 6.15
C ILE A 62 -7.56 24.87 6.80
N SER A 63 -8.37 23.85 6.59
CA SER A 63 -9.64 23.82 7.27
C SER A 63 -10.34 22.45 7.30
N PHE A 64 -11.33 22.32 8.18
CA PHE A 64 -12.08 21.08 8.38
C PHE A 64 -13.41 21.19 7.69
N ALA A 65 -13.90 20.05 7.21
CA ALA A 65 -15.16 20.04 6.47
C ALA A 65 -15.82 18.67 6.50
N VAL A 66 -17.07 18.64 6.04
CA VAL A 66 -17.80 17.41 6.09
C VAL A 66 -18.42 17.23 4.72
N LYS A 67 -18.40 16.01 4.20
CA LYS A 67 -19.01 15.69 2.90
C LYS A 67 -18.72 16.76 1.84
N GLU A 68 -19.79 17.18 1.16
CA GLU A 68 -19.72 18.25 0.17
C GLU A 68 -19.30 19.64 0.78
N HIS A 69 -18.27 20.30 0.22
CA HIS A 69 -17.72 21.54 0.84
C HIS A 69 -17.22 22.74 -0.02
N GLY A 70 -17.57 22.77 -1.30
CA GLY A 70 -17.18 23.91 -2.12
C GLY A 70 -16.01 23.74 -3.07
N ASP A 71 -15.45 22.55 -3.16
CA ASP A 71 -14.45 22.27 -4.21
C ASP A 71 -15.05 21.10 -5.01
N ASN A 72 -14.37 20.52 -5.99
CA ASN A 72 -15.18 19.45 -6.65
C ASN A 72 -14.76 18.04 -6.29
N TYR A 73 -14.74 17.85 -4.97
CA TYR A 73 -14.06 16.76 -4.29
C TYR A 73 -14.67 16.62 -2.89
N SER A 74 -15.84 15.98 -2.80
CA SER A 74 -16.47 15.83 -1.47
C SER A 74 -15.77 14.77 -0.64
N PHE A 75 -15.94 14.89 0.67
CA PHE A 75 -15.59 13.78 1.53
C PHE A 75 -16.68 12.71 1.50
N ASP A 76 -16.38 11.57 2.13
CA ASP A 76 -17.14 10.31 2.01
C ASP A 76 -17.52 9.74 3.37
N GLY A 77 -17.49 10.60 4.40
CA GLY A 77 -17.64 10.08 5.79
C GLY A 77 -16.51 9.27 6.42
N PRO A 78 -16.88 8.69 7.57
CA PRO A 78 -15.99 7.87 8.41
C PRO A 78 -15.24 6.79 7.63
N GLY A 79 -13.92 6.81 7.77
CA GLY A 79 -13.04 5.95 7.02
C GLY A 79 -12.71 6.50 5.65
N HIS A 80 -12.29 5.57 4.78
CA HIS A 80 -11.83 5.80 3.39
C HIS A 80 -10.92 7.15 3.27
N SER A 81 -11.48 8.29 2.83
CA SER A 81 -10.59 9.47 2.73
C SER A 81 -10.46 10.29 4.00
N LEU A 82 -9.23 10.61 4.39
CA LEU A 82 -9.02 11.28 5.69
C LEU A 82 -8.87 12.79 5.52
N ALA A 83 -8.28 13.17 4.39
CA ALA A 83 -8.02 14.56 3.98
C ALA A 83 -7.47 14.58 2.56
N HIS A 84 -7.53 15.77 1.96
CA HIS A 84 -6.89 16.05 0.69
C HIS A 84 -6.25 17.45 0.67
N ALA A 85 -5.34 17.67 -0.26
CA ALA A 85 -4.63 18.93 -0.31
C ALA A 85 -4.04 19.14 -1.68
N TYR A 86 -4.15 20.38 -2.15
CA TYR A 86 -3.82 20.72 -3.51
C TYR A 86 -2.35 21.09 -3.71
N PRO A 87 -1.89 20.90 -4.96
CA PRO A 87 -0.50 21.13 -5.35
C PRO A 87 -0.21 22.63 -5.36
N PRO A 88 1.04 23.08 -5.33
CA PRO A 88 1.35 24.51 -5.22
C PRO A 88 0.69 25.36 -6.33
N GLY A 89 0.22 26.57 -5.97
CA GLY A 89 -0.25 27.58 -6.94
C GLY A 89 -1.27 28.58 -6.36
N PRO A 90 -1.91 29.39 -7.18
CA PRO A 90 -2.93 30.34 -6.70
C PRO A 90 -4.25 29.64 -6.40
N GLY A 91 -5.06 30.30 -5.58
CA GLY A 91 -6.45 29.90 -5.34
C GLY A 91 -6.51 28.74 -4.39
N LEU A 92 -7.47 27.85 -4.67
CA LEU A 92 -7.59 26.58 -4.00
C LEU A 92 -6.22 25.89 -3.92
N TYR A 93 -5.34 26.14 -4.87
CA TYR A 93 -4.02 25.48 -4.84
C TYR A 93 -3.31 25.71 -3.51
N GLY A 94 -2.48 24.72 -3.13
CA GLY A 94 -1.80 24.70 -1.82
C GLY A 94 -2.70 24.44 -0.62
N ASP A 95 -4.01 24.56 -0.79
CA ASP A 95 -4.93 24.44 0.34
C ASP A 95 -5.03 22.99 0.84
N ILE A 96 -5.49 22.84 2.08
CA ILE A 96 -5.58 21.54 2.71
C ILE A 96 -6.86 21.42 3.48
N HIS A 97 -7.60 20.33 3.22
CA HIS A 97 -8.83 19.99 3.93
C HIS A 97 -8.71 18.67 4.67
N PHE A 98 -9.29 18.68 5.87
CA PHE A 98 -9.35 17.54 6.77
C PHE A 98 -10.79 17.13 6.85
N ASP A 99 -10.99 15.84 6.62
CA ASP A 99 -12.32 15.23 6.79
C ASP A 99 -12.83 15.13 8.26
N ASP A 100 -13.88 15.90 8.59
CA ASP A 100 -14.29 15.98 10.02
C ASP A 100 -15.31 14.90 10.40
N ASP A 101 -15.50 13.94 9.50
CA ASP A 101 -16.17 12.67 9.84
C ASP A 101 -15.14 11.68 10.48
N GLU A 102 -13.87 12.14 10.62
CA GLU A 102 -12.85 11.30 11.31
C GLU A 102 -12.83 11.89 12.71
N LYS A 103 -12.39 11.13 13.74
CA LYS A 103 -12.15 11.67 15.10
C LYS A 103 -10.68 12.06 15.25
N TRP A 104 -10.46 13.36 15.36
CA TRP A 104 -9.11 13.91 15.32
C TRP A 104 -8.51 13.84 16.73
N THR A 105 -7.35 13.20 16.86
CA THR A 105 -6.74 12.98 18.17
C THR A 105 -5.29 13.48 18.21
N GLU A 106 -4.82 13.80 19.42
CA GLU A 106 -3.40 14.21 19.57
C GLU A 106 -2.44 13.01 19.76
N ASP A 107 -3.00 11.78 19.85
CA ASP A 107 -2.30 10.50 19.74
C ASP A 107 -2.95 9.57 18.68
N ALA A 108 -2.75 8.26 18.80
CA ALA A 108 -3.38 7.31 17.85
C ALA A 108 -4.74 6.71 18.29
N SER A 109 -5.53 7.43 19.10
CA SER A 109 -6.81 6.88 19.64
C SER A 109 -7.99 7.01 18.66
N GLY A 110 -7.85 8.00 17.79
CA GLY A 110 -8.60 8.14 16.55
C GLY A 110 -7.57 8.45 15.48
N THR A 111 -7.90 9.37 14.57
CA THR A 111 -6.97 9.76 13.52
C THR A 111 -5.98 10.85 13.98
N ASN A 112 -4.69 10.51 13.89
CA ASN A 112 -3.68 11.41 14.40
C ASN A 112 -3.52 12.63 13.50
N LEU A 113 -4.07 13.77 13.93
CA LEU A 113 -4.02 15.03 13.15
C LEU A 113 -2.61 15.42 12.75
N PHE A 114 -1.64 15.34 13.67
CA PHE A 114 -0.27 15.72 13.36
C PHE A 114 0.18 14.98 12.11
N LEU A 115 0.16 13.65 12.16
CA LEU A 115 0.66 12.88 11.03
C LEU A 115 -0.14 12.96 9.72
N VAL A 116 -1.43 13.37 9.78
CA VAL A 116 -2.15 13.68 8.54
C VAL A 116 -1.74 15.07 8.05
N ALA A 117 -1.68 16.02 8.98
CA ALA A 117 -1.13 17.33 8.64
C ALA A 117 0.22 17.11 7.95
N ALA A 118 1.15 16.40 8.59
CA ALA A 118 2.47 16.24 8.00
C ALA A 118 2.39 15.81 6.52
N HIS A 119 1.52 14.85 6.25
CA HIS A 119 1.43 14.26 4.92
C HIS A 119 0.72 15.18 3.91
N GLU A 120 -0.34 15.84 4.36
CA GLU A 120 -1.01 16.88 3.56
C GLU A 120 -0.09 18.04 3.25
N LEU A 121 0.74 18.42 4.20
CA LEU A 121 1.63 19.53 3.94
C LEU A 121 2.60 19.15 2.82
N GLY A 122 3.10 17.92 2.83
CA GLY A 122 3.82 17.39 1.67
C GLY A 122 3.13 17.66 0.34
N HIS A 123 1.81 17.41 0.28
CA HIS A 123 1.05 17.55 -0.97
C HIS A 123 0.95 19.01 -1.42
N SER A 124 0.61 19.86 -0.45
CA SER A 124 0.55 21.29 -0.67
C SER A 124 1.92 21.83 -1.13
N LEU A 125 3.00 21.19 -0.70
CA LEU A 125 4.33 21.67 -1.11
C LEU A 125 4.84 21.04 -2.42
N GLY A 126 4.10 20.05 -2.91
CA GLY A 126 4.33 19.54 -4.26
C GLY A 126 4.75 18.08 -4.36
N LEU A 127 4.78 17.39 -3.23
CA LEU A 127 5.14 15.97 -3.15
C LEU A 127 3.96 15.09 -3.54
N PHE A 128 4.23 13.90 -4.08
CA PHE A 128 3.17 12.99 -4.48
C PHE A 128 3.24 11.71 -3.70
N HIS A 129 2.27 10.84 -3.93
CA HIS A 129 2.26 9.63 -3.11
C HIS A 129 3.52 8.82 -3.43
N SER A 130 3.93 7.94 -2.50
CA SER A 130 5.14 7.18 -2.71
C SER A 130 4.88 5.69 -2.71
N ALA A 131 5.75 4.97 -3.41
CA ALA A 131 5.76 3.48 -3.42
C ALA A 131 6.43 2.83 -2.21
N ASN A 132 7.33 3.57 -1.55
CA ASN A 132 7.94 3.05 -0.29
C ASN A 132 6.85 3.05 0.80
N THR A 133 7.02 2.21 1.85
CA THR A 133 6.05 2.11 2.95
C THR A 133 6.52 2.85 4.20
N GLU A 134 7.84 2.96 4.37
CA GLU A 134 8.46 3.72 5.48
C GLU A 134 8.17 5.21 5.39
N ALA A 135 8.04 5.68 4.13
CA ALA A 135 7.85 7.10 3.85
C ALA A 135 6.52 7.65 4.35
N LEU A 136 6.59 8.91 4.83
CA LEU A 136 5.42 9.72 5.21
C LEU A 136 4.38 9.77 4.11
N MET A 137 4.84 9.88 2.86
CA MET A 137 3.97 10.03 1.68
C MET A 137 3.33 8.73 1.11
N TYR A 138 3.69 7.58 1.70
CA TYR A 138 2.93 6.37 1.43
C TYR A 138 1.41 6.64 1.68
N PRO A 139 0.52 6.22 0.77
CA PRO A 139 -0.85 6.77 0.78
C PRO A 139 -1.78 6.20 1.84
N LEU A 140 -1.20 5.56 2.85
CA LEU A 140 -1.94 4.74 3.82
C LEU A 140 -1.61 5.09 5.29
N TYR A 141 -2.68 5.25 6.07
CA TYR A 141 -2.65 5.34 7.54
C TYR A 141 -2.52 3.89 8.13
N ASN A 142 -1.78 3.61 9.22
CA ASN A 142 -1.49 4.60 10.30
C ASN A 142 -0.28 5.44 9.94
N SER A 143 0.40 5.04 8.82
CA SER A 143 1.44 5.82 8.11
C SER A 143 2.67 6.11 8.98
N LEU A 147 5.96 5.78 14.70
CA LEU A 147 5.93 6.38 16.04
C LEU A 147 5.41 7.82 16.06
N ALA A 148 4.42 8.13 16.94
CA ALA A 148 4.00 9.51 17.19
C ALA A 148 5.05 10.29 18.04
N GLN A 149 6.18 10.52 17.36
CA GLN A 149 7.35 11.34 17.69
C GLN A 149 8.34 10.75 16.72
N PHE A 150 8.88 11.57 15.84
CA PHE A 150 8.81 11.12 14.45
C PHE A 150 9.94 11.67 13.64
N ARG A 151 10.32 10.81 12.67
CA ARG A 151 11.34 11.18 11.75
C ARG A 151 10.84 10.91 10.37
N LEU A 152 10.99 11.96 9.55
CA LEU A 152 10.77 11.91 8.13
C LEU A 152 11.66 10.82 7.58
N SER A 153 11.14 10.09 6.59
CA SER A 153 11.93 9.03 5.96
C SER A 153 12.97 9.71 5.05
N GLN A 154 13.85 8.96 4.35
CA GLN A 154 14.86 9.56 3.47
C GLN A 154 14.26 9.90 2.13
N ASP A 155 13.41 8.99 1.67
CA ASP A 155 12.81 9.09 0.35
C ASP A 155 11.89 10.31 0.31
N ASP A 156 11.31 10.66 1.47
CA ASP A 156 10.56 11.92 1.62
C ASP A 156 11.55 13.04 1.59
N VAL A 157 12.63 12.86 2.37
CA VAL A 157 13.62 13.91 2.54
C VAL A 157 14.17 14.28 1.16
N ASN A 158 14.64 13.29 0.38
CA ASN A 158 15.15 13.51 -0.97
C ASN A 158 14.10 14.17 -1.84
N GLY A 159 12.85 13.72 -1.70
CA GLY A 159 11.75 14.15 -2.56
C GLY A 159 11.45 15.63 -2.44
N ILE A 160 11.26 16.13 -1.23
CA ILE A 160 11.02 17.56 -1.12
C ILE A 160 12.28 18.34 -1.49
N GLN A 161 13.45 17.85 -1.04
CA GLN A 161 14.70 18.60 -1.27
C GLN A 161 15.05 18.77 -2.76
N SER A 162 14.50 17.87 -3.59
CA SER A 162 14.67 17.93 -5.03
C SER A 162 13.75 19.03 -5.62
N LEU A 163 12.76 19.44 -4.85
CA LEU A 163 11.93 20.58 -5.25
C LEU A 163 12.58 21.89 -4.75
N TYR A 164 13.10 21.94 -3.51
CA TYR A 164 13.56 23.22 -2.92
C TYR A 164 15.02 23.30 -2.46
N GLY A 165 15.83 22.27 -2.77
CA GLY A 165 17.10 22.11 -2.09
C GLY A 165 16.81 21.65 -0.67
N GLY B 6 8.77 -6.62 27.92
CA GLY B 6 9.42 -5.73 26.83
C GLY B 6 10.37 -6.51 25.87
N MET B 7 10.03 -7.77 25.57
CA MET B 7 10.98 -8.67 24.85
C MET B 7 11.00 -8.60 23.30
N PRO B 8 12.21 -8.62 22.71
CA PRO B 8 12.51 -9.22 21.35
C PRO B 8 12.25 -10.75 21.04
N LYS B 9 12.33 -11.67 22.02
CA LYS B 9 11.99 -13.12 21.80
C LYS B 9 11.14 -13.57 22.97
N TRP B 10 10.45 -14.70 22.79
CA TRP B 10 9.99 -15.45 23.97
C TRP B 10 11.12 -16.25 24.66
N ARG B 11 11.08 -16.28 25.99
CA ARG B 11 12.00 -17.10 26.84
C ARG B 11 11.48 -18.53 27.11
N LYS B 12 10.21 -18.76 26.70
CA LYS B 12 9.74 -20.13 26.60
C LYS B 12 9.96 -20.46 25.14
N THR B 13 9.79 -21.72 24.78
CA THR B 13 9.47 -22.02 23.39
C THR B 13 8.24 -22.93 23.28
N HIS B 14 7.55 -23.10 24.42
CA HIS B 14 6.13 -23.52 24.38
C HIS B 14 5.16 -22.46 24.78
N LEU B 15 4.44 -22.05 23.76
CA LEU B 15 3.56 -20.93 23.86
C LEU B 15 2.16 -21.44 23.78
N THR B 16 1.29 -20.65 24.38
CA THR B 16 -0.12 -20.91 24.28
C THR B 16 -0.79 -19.75 23.48
N TYR B 17 -1.98 -20.02 22.93
CA TYR B 17 -2.74 -19.07 22.09
C TYR B 17 -4.24 -19.28 22.33
N ARG B 18 -4.99 -18.17 22.24
CA ARG B 18 -6.43 -18.16 22.47
C ARG B 18 -7.07 -17.39 21.30
N ILE B 19 -8.05 -17.94 20.60
CA ILE B 19 -8.79 -17.10 19.62
C ILE B 19 -9.92 -16.55 20.46
N VAL B 20 -9.77 -15.27 20.88
CA VAL B 20 -10.70 -14.60 21.81
C VAL B 20 -12.13 -14.43 21.27
N ASN B 21 -12.26 -14.05 20.01
CA ASN B 21 -13.59 -14.02 19.40
C ASN B 21 -13.49 -14.36 17.96
N TYR B 22 -14.67 -14.40 17.37
CA TYR B 22 -14.87 -14.57 15.95
C TYR B 22 -15.64 -13.44 15.26
N THR B 23 -14.97 -13.01 14.18
CA THR B 23 -15.62 -12.58 12.91
C THR B 23 -16.68 -13.52 12.27
N PRO B 24 -17.71 -12.84 11.79
CA PRO B 24 -18.83 -13.46 11.08
C PRO B 24 -18.50 -13.65 9.60
N ASP B 25 -17.48 -12.94 9.06
CA ASP B 25 -17.10 -13.05 7.64
C ASP B 25 -16.81 -14.50 7.22
N LEU B 26 -16.85 -15.43 8.16
CA LEU B 26 -16.40 -16.79 7.88
C LEU B 26 -16.87 -17.64 9.04
N PRO B 27 -17.03 -18.95 8.78
CA PRO B 27 -17.24 -19.94 9.84
C PRO B 27 -16.11 -19.91 10.88
N ARG B 28 -16.41 -20.28 12.13
CA ARG B 28 -15.33 -20.48 13.09
C ARG B 28 -14.45 -21.66 12.71
N ASP B 29 -15.03 -22.78 12.25
CA ASP B 29 -14.14 -23.85 11.80
C ASP B 29 -13.15 -23.31 10.77
N ALA B 30 -13.66 -22.62 9.75
CA ALA B 30 -12.81 -21.98 8.73
C ALA B 30 -11.81 -20.96 9.32
N VAL B 31 -12.24 -20.23 10.37
CA VAL B 31 -11.24 -19.38 11.09
C VAL B 31 -10.20 -20.24 11.83
N ASP B 32 -10.58 -21.36 12.43
CA ASP B 32 -9.56 -22.20 13.11
C ASP B 32 -8.63 -22.94 12.17
N SER B 33 -9.19 -23.47 11.09
CA SER B 33 -8.37 -24.05 9.99
C SER B 33 -7.34 -23.01 9.45
N ALA B 34 -7.83 -21.87 8.96
CA ALA B 34 -7.03 -20.60 8.78
C ALA B 34 -5.87 -20.21 9.74
N ILE B 35 -6.12 -20.28 11.04
CA ILE B 35 -5.14 -19.80 12.01
C ILE B 35 -4.25 -20.94 12.52
N GLU B 36 -4.75 -22.17 12.39
CA GLU B 36 -3.95 -23.35 12.69
C GLU B 36 -2.85 -23.53 11.64
N LYS B 37 -3.16 -23.16 10.38
CA LYS B 37 -2.21 -23.18 9.26
C LYS B 37 -1.11 -22.13 9.46
N ALA B 38 -1.58 -20.91 9.75
CA ALA B 38 -0.77 -19.77 10.17
C ALA B 38 0.36 -20.22 11.05
N LEU B 39 -0.02 -20.73 12.23
CA LEU B 39 0.91 -21.24 13.23
C LEU B 39 1.86 -22.28 12.60
N LYS B 40 1.31 -23.39 12.06
CA LYS B 40 2.16 -24.40 11.36
C LYS B 40 3.31 -23.88 10.47
N VAL B 41 3.02 -22.93 9.58
CA VAL B 41 4.06 -22.24 8.81
C VAL B 41 5.25 -22.08 9.73
N TRP B 42 5.03 -21.39 10.86
CA TRP B 42 6.08 -20.98 11.77
C TRP B 42 6.57 -22.08 12.67
N GLU B 43 5.63 -22.90 13.18
CA GLU B 43 6.01 -24.11 13.91
C GLU B 43 7.14 -24.78 13.15
N GLU B 44 6.80 -25.16 11.90
CA GLU B 44 7.61 -26.01 11.04
C GLU B 44 9.10 -25.73 11.08
N VAL B 45 9.50 -24.45 11.01
CA VAL B 45 10.93 -24.13 10.93
C VAL B 45 11.63 -23.90 12.26
N THR B 46 10.96 -24.21 13.39
CA THR B 46 11.51 -23.91 14.71
C THR B 46 11.13 -24.98 15.75
N PRO B 47 11.74 -24.92 16.94
CA PRO B 47 11.30 -25.71 18.11
C PRO B 47 10.24 -25.01 18.98
N LEU B 48 9.58 -24.00 18.44
CA LEU B 48 8.39 -23.48 19.10
C LEU B 48 7.21 -24.47 18.95
N THR B 49 6.58 -24.81 20.07
CA THR B 49 5.31 -25.57 20.08
C THR B 49 4.14 -24.61 20.38
N PHE B 50 2.92 -25.07 20.10
CA PHE B 50 1.72 -24.24 20.27
C PHE B 50 0.55 -25.03 20.87
N SER B 51 -0.01 -24.54 21.97
CA SER B 51 -1.18 -25.16 22.61
C SER B 51 -2.31 -24.17 22.85
N ARG B 52 -3.54 -24.67 22.68
CA ARG B 52 -4.71 -23.82 22.63
C ARG B 52 -5.41 -23.71 23.95
N LEU B 53 -5.61 -22.50 24.43
CA LEU B 53 -6.47 -22.31 25.58
C LEU B 53 -7.84 -21.85 25.10
N TYR B 54 -8.88 -22.05 25.92
CA TYR B 54 -10.23 -21.55 25.60
C TYR B 54 -10.76 -20.54 26.61
N GLU B 55 -9.87 -19.98 27.44
CA GLU B 55 -10.22 -19.04 28.51
C GLU B 55 -8.91 -18.66 29.21
N GLY B 56 -8.91 -17.53 29.93
CA GLY B 56 -7.67 -17.03 30.53
C GLY B 56 -6.74 -16.30 29.56
N GLU B 57 -5.54 -16.03 30.05
CA GLU B 57 -4.56 -15.30 29.24
C GLU B 57 -3.70 -16.34 28.56
N ALA B 58 -3.64 -16.30 27.22
CA ALA B 58 -2.69 -17.15 26.52
C ALA B 58 -1.54 -16.24 26.18
N ASP B 59 -0.38 -16.78 25.80
CA ASP B 59 0.71 -15.85 25.51
C ASP B 59 0.29 -14.98 24.33
N ILE B 60 -0.29 -15.64 23.32
CA ILE B 60 -0.78 -14.95 22.11
C ILE B 60 -2.33 -14.87 22.11
N MET B 61 -2.83 -13.69 22.48
CA MET B 61 -4.28 -13.42 22.43
C MET B 61 -4.70 -12.89 21.04
N ILE B 62 -5.58 -13.66 20.38
CA ILE B 62 -5.98 -13.46 18.98
C ILE B 62 -7.44 -12.95 18.91
N SER B 63 -7.68 -11.80 18.26
CA SER B 63 -9.05 -11.23 18.16
C SER B 63 -9.41 -10.34 16.94
N PHE B 64 -10.72 -10.07 16.78
CA PHE B 64 -11.22 -9.28 15.64
C PHE B 64 -11.91 -8.05 16.19
N ALA B 65 -11.50 -6.85 15.75
CA ALA B 65 -12.00 -5.60 16.34
C ALA B 65 -12.13 -4.50 15.29
N VAL B 66 -12.91 -3.45 15.56
CA VAL B 66 -13.21 -2.48 14.49
C VAL B 66 -12.80 -1.10 14.99
N LYS B 67 -12.28 -0.20 14.15
CA LYS B 67 -12.06 1.16 14.68
C LYS B 67 -11.40 1.08 16.08
N GLU B 68 -11.95 1.79 17.08
CA GLU B 68 -11.35 1.71 18.43
C GLU B 68 -11.63 0.42 19.24
N HIS B 69 -10.58 -0.12 19.86
CA HIS B 69 -10.67 -1.43 20.48
C HIS B 69 -9.79 -1.60 21.72
N GLY B 70 -9.42 -0.46 22.32
CA GLY B 70 -8.98 -0.55 23.70
C GLY B 70 -7.50 -0.75 23.86
N ASP B 71 -6.74 -0.76 22.77
CA ASP B 71 -5.31 -0.60 22.97
C ASP B 71 -5.00 0.85 22.51
N ASN B 72 -3.76 1.23 22.26
CA ASN B 72 -3.77 2.63 21.93
C ASN B 72 -3.67 3.09 20.46
N TYR B 73 -4.12 2.17 19.59
CA TYR B 73 -3.87 2.26 18.15
C TYR B 73 -5.10 1.78 17.37
N SER B 74 -6.07 2.68 17.16
CA SER B 74 -7.34 2.31 16.51
C SER B 74 -7.15 1.70 15.15
N PHE B 75 -8.09 0.80 14.79
CA PHE B 75 -8.17 0.38 13.40
C PHE B 75 -8.91 1.50 12.65
N ASP B 76 -9.04 1.39 11.33
CA ASP B 76 -9.39 2.59 10.56
C ASP B 76 -10.33 2.37 9.36
N GLY B 77 -11.30 1.49 9.53
CA GLY B 77 -12.28 1.23 8.46
C GLY B 77 -11.75 0.37 7.32
N PRO B 78 -12.58 0.10 6.32
CA PRO B 78 -12.14 -0.65 5.13
C PRO B 78 -10.82 -0.10 4.58
N GLY B 79 -9.90 -1.01 4.25
CA GLY B 79 -8.55 -0.66 3.82
C GLY B 79 -7.68 -0.09 4.93
N HIS B 80 -6.68 0.69 4.50
CA HIS B 80 -5.62 1.07 5.39
C HIS B 80 -5.11 -0.16 6.12
N SER B 81 -4.75 -0.03 7.38
CA SER B 81 -4.16 -1.13 8.12
C SER B 81 -5.12 -2.34 8.18
N LEU B 82 -4.62 -3.55 7.89
CA LEU B 82 -5.47 -4.76 7.93
C LEU B 82 -5.38 -5.48 9.28
N ALA B 83 -4.21 -5.40 9.94
CA ALA B 83 -3.95 -6.10 11.21
C ALA B 83 -2.77 -5.45 11.99
N HIS B 84 -2.67 -5.69 13.30
CA HIS B 84 -1.43 -5.41 14.04
C HIS B 84 -1.29 -6.38 15.22
N ALA B 85 -0.03 -6.63 15.60
CA ALA B 85 0.34 -7.59 16.63
C ALA B 85 1.53 -7.06 17.45
N TYR B 86 1.63 -7.48 18.72
CA TYR B 86 2.71 -6.99 19.56
C TYR B 86 3.86 -8.00 19.68
N PRO B 87 5.13 -7.53 19.81
CA PRO B 87 6.29 -8.43 19.93
C PRO B 87 6.24 -9.32 21.19
N PRO B 88 7.16 -10.26 21.43
CA PRO B 88 6.98 -11.09 22.63
C PRO B 88 7.12 -10.30 23.90
N GLY B 89 6.29 -10.69 24.85
CA GLY B 89 6.35 -10.00 26.12
C GLY B 89 5.04 -10.32 26.77
N PRO B 90 4.93 -9.85 27.99
CA PRO B 90 3.83 -10.25 28.89
C PRO B 90 2.65 -9.32 28.70
N GLY B 91 1.43 -9.82 28.91
CA GLY B 91 0.23 -9.01 28.82
C GLY B 91 -0.18 -8.79 27.37
N LEU B 92 -0.22 -7.52 26.96
CA LEU B 92 -0.55 -7.14 25.58
C LEU B 92 0.46 -7.71 24.63
N TYR B 93 1.74 -7.69 25.02
CA TYR B 93 2.77 -8.18 24.13
C TYR B 93 2.45 -9.57 23.60
N GLY B 94 2.68 -9.78 22.31
CA GLY B 94 2.40 -11.06 21.70
C GLY B 94 0.97 -11.24 21.16
N ASP B 95 0.10 -10.25 21.39
CA ASP B 95 -1.32 -10.35 20.91
C ASP B 95 -1.58 -9.95 19.42
N ILE B 96 -2.68 -10.43 18.85
CA ILE B 96 -3.00 -10.25 17.42
C ILE B 96 -4.38 -9.64 17.26
N HIS B 97 -4.48 -8.61 16.44
CA HIS B 97 -5.75 -7.90 16.35
C HIS B 97 -6.05 -7.75 14.89
N PHE B 98 -7.06 -8.46 14.39
CA PHE B 98 -7.48 -8.27 13.00
C PHE B 98 -8.53 -7.15 12.92
N ASP B 99 -8.46 -6.35 11.85
CA ASP B 99 -9.42 -5.28 11.56
C ASP B 99 -10.62 -6.01 10.94
N ASP B 100 -11.79 -5.95 11.63
CA ASP B 100 -12.95 -6.60 11.00
C ASP B 100 -13.72 -5.75 10.00
N ASP B 101 -13.22 -4.54 9.75
CA ASP B 101 -13.73 -3.72 8.64
C ASP B 101 -13.14 -4.25 7.35
N GLU B 102 -12.22 -5.20 7.48
CA GLU B 102 -11.86 -6.02 6.30
C GLU B 102 -12.85 -7.18 6.03
N LYS B 103 -12.95 -7.56 4.76
CA LYS B 103 -13.71 -8.74 4.38
C LYS B 103 -12.79 -9.96 4.39
N TRP B 104 -12.63 -10.63 5.55
CA TRP B 104 -11.82 -11.86 5.65
C TRP B 104 -12.40 -13.01 4.77
N THR B 105 -11.56 -13.85 4.14
CA THR B 105 -12.09 -14.98 3.33
C THR B 105 -11.07 -16.11 3.34
N GLU B 106 -11.42 -17.18 2.64
CA GLU B 106 -10.66 -18.41 2.66
C GLU B 106 -9.62 -18.37 1.55
N ASP B 107 -9.96 -17.69 0.46
CA ASP B 107 -9.03 -17.39 -0.63
C ASP B 107 -8.78 -15.90 -0.78
N ALA B 108 -8.50 -15.49 -2.03
CA ALA B 108 -8.09 -14.12 -2.36
C ALA B 108 -9.24 -13.17 -2.73
N SER B 109 -10.48 -13.67 -2.75
CA SER B 109 -11.64 -12.84 -3.14
C SER B 109 -11.82 -11.61 -2.24
N GLY B 110 -11.41 -11.73 -0.98
CA GLY B 110 -11.27 -10.59 -0.08
C GLY B 110 -9.83 -10.50 0.43
N THR B 111 -9.68 -10.30 1.75
CA THR B 111 -8.35 -10.28 2.36
C THR B 111 -8.10 -11.64 2.99
N ASN B 112 -7.08 -12.32 2.48
CA ASN B 112 -6.84 -13.70 2.93
C ASN B 112 -6.47 -13.73 4.41
N LEU B 113 -7.28 -14.44 5.21
CA LEU B 113 -7.07 -14.53 6.66
C LEU B 113 -5.84 -15.37 7.00
N PHE B 114 -5.71 -16.53 6.37
CA PHE B 114 -4.50 -17.31 6.64
C PHE B 114 -3.27 -16.43 6.59
N LEU B 115 -3.16 -15.62 5.54
CA LEU B 115 -1.88 -15.01 5.17
C LEU B 115 -1.53 -13.77 5.97
N VAL B 116 -2.57 -13.11 6.48
CA VAL B 116 -2.39 -11.97 7.37
C VAL B 116 -2.12 -12.58 8.72
N ALA B 117 -2.70 -13.75 8.94
CA ALA B 117 -2.46 -14.47 10.17
C ALA B 117 -1.00 -14.90 10.31
N ALA B 118 -0.31 -15.26 9.20
CA ALA B 118 1.04 -15.93 9.41
C ALA B 118 2.10 -14.88 9.53
N HIS B 119 1.85 -13.80 8.81
CA HIS B 119 2.66 -12.64 8.93
C HIS B 119 2.50 -12.02 10.34
N GLU B 120 1.31 -12.05 10.92
CA GLU B 120 1.13 -11.37 12.20
C GLU B 120 1.68 -12.18 13.33
N LEU B 121 1.66 -13.50 13.13
CA LEU B 121 2.33 -14.41 14.04
C LEU B 121 3.83 -14.17 14.04
N GLY B 122 4.37 -13.71 12.90
CA GLY B 122 5.74 -13.28 12.79
C GLY B 122 5.99 -12.21 13.82
N HIS B 123 5.19 -11.13 13.78
CA HIS B 123 5.39 -9.98 14.67
C HIS B 123 5.41 -10.43 16.13
N SER B 124 4.46 -11.30 16.46
CA SER B 124 4.32 -11.78 17.82
C SER B 124 5.49 -12.70 18.24
N LEU B 125 6.25 -13.23 17.27
CA LEU B 125 7.38 -14.11 17.61
C LEU B 125 8.66 -13.32 17.58
N GLY B 126 8.52 -12.00 17.44
CA GLY B 126 9.66 -11.10 17.39
C GLY B 126 10.10 -10.62 16.02
N LEU B 127 9.50 -11.13 14.93
CA LEU B 127 9.90 -10.73 13.59
C LEU B 127 9.46 -9.31 13.29
N PHE B 128 10.35 -8.62 12.58
CA PHE B 128 10.14 -7.26 12.12
C PHE B 128 9.98 -7.37 10.62
N HIS B 129 9.85 -6.23 9.97
CA HIS B 129 9.49 -6.22 8.55
C HIS B 129 10.70 -6.45 7.64
N SER B 130 10.56 -7.47 6.78
CA SER B 130 11.57 -7.76 5.78
C SER B 130 11.55 -6.75 4.64
N ALA B 131 12.67 -6.70 3.91
CA ALA B 131 12.91 -5.75 2.83
C ALA B 131 12.91 -6.48 1.49
N ASN B 132 13.03 -7.81 1.57
CA ASN B 132 12.83 -8.72 0.45
C ASN B 132 11.39 -8.69 -0.04
N THR B 133 11.21 -8.57 -1.34
CA THR B 133 9.89 -8.45 -1.97
C THR B 133 9.00 -9.69 -1.87
N GLU B 134 9.60 -10.84 -1.60
CA GLU B 134 8.85 -12.10 -1.60
C GLU B 134 8.70 -12.72 -0.23
N ALA B 135 9.12 -12.00 0.81
CA ALA B 135 8.95 -12.52 2.16
C ALA B 135 7.50 -12.37 2.62
N LEU B 136 7.05 -13.36 3.42
CA LEU B 136 5.85 -13.21 4.28
C LEU B 136 5.84 -11.88 5.00
N MET B 137 7.02 -11.52 5.51
CA MET B 137 7.21 -10.44 6.48
C MET B 137 7.33 -9.07 5.83
N TYR B 138 7.40 -9.11 4.52
CA TYR B 138 7.34 -7.94 3.70
C TYR B 138 6.08 -7.12 4.09
N PRO B 139 6.25 -5.81 4.32
CA PRO B 139 5.15 -4.99 4.86
C PRO B 139 3.90 -5.00 4.02
N LEU B 140 4.08 -5.21 2.72
CA LEU B 140 3.03 -5.08 1.74
C LEU B 140 2.23 -6.38 1.51
N TYR B 141 0.89 -6.29 1.67
CA TYR B 141 0.00 -7.44 1.39
C TYR B 141 -0.01 -7.84 -0.09
N ASN B 142 -0.05 -9.16 -0.34
CA ASN B 142 0.22 -9.76 -1.66
C ASN B 142 -0.74 -10.88 -2.10
N SER B 143 -1.81 -10.52 -2.81
CA SER B 143 -2.86 -11.45 -3.26
C SER B 143 -2.43 -12.44 -4.33
N PHE B 144 -1.48 -12.00 -5.18
CA PHE B 144 -1.17 -12.77 -6.43
C PHE B 144 -0.16 -13.86 -6.28
N THR B 145 -0.78 -15.06 -6.15
CA THR B 145 -0.51 -16.02 -5.02
C THR B 145 0.42 -17.19 -5.49
N GLU B 146 -0.04 -18.37 -5.93
CA GLU B 146 -1.27 -19.22 -5.21
C GLU B 146 -0.99 -19.79 -3.81
N LEU B 147 -2.01 -20.41 -3.19
CA LEU B 147 -2.07 -20.53 -1.74
C LEU B 147 -2.02 -21.95 -1.18
N ALA B 148 -2.58 -22.89 -1.93
CA ALA B 148 -2.51 -24.31 -1.61
C ALA B 148 -1.15 -24.78 -2.13
N GLN B 149 -0.31 -23.77 -2.32
CA GLN B 149 1.00 -23.83 -2.94
C GLN B 149 1.97 -23.58 -1.79
N PHE B 150 1.52 -22.79 -0.81
CA PHE B 150 2.40 -22.01 0.09
C PHE B 150 3.66 -22.68 0.64
N ARG B 151 4.65 -21.82 0.87
CA ARG B 151 5.94 -22.11 1.46
C ARG B 151 6.67 -20.79 1.79
N LEU B 152 7.04 -20.59 3.06
CA LEU B 152 7.75 -19.36 3.49
C LEU B 152 8.89 -19.06 2.57
N SER B 153 9.14 -17.79 2.35
CA SER B 153 10.34 -17.41 1.61
C SER B 153 11.59 -17.78 2.45
N GLN B 154 12.78 -17.68 1.83
CA GLN B 154 14.06 -17.90 2.52
C GLN B 154 14.25 -16.98 3.71
N ASP B 155 13.99 -15.71 3.44
CA ASP B 155 14.15 -14.61 4.38
C ASP B 155 13.48 -14.93 5.73
N ASP B 156 12.29 -15.53 5.70
CA ASP B 156 11.56 -15.90 6.94
C ASP B 156 12.14 -17.09 7.68
N VAL B 157 12.52 -18.15 6.97
CA VAL B 157 13.21 -19.21 7.70
C VAL B 157 14.47 -18.60 8.37
N ASN B 158 15.21 -17.77 7.62
CA ASN B 158 16.42 -17.12 8.15
C ASN B 158 16.14 -16.11 9.28
N GLY B 159 15.32 -15.10 9.01
CA GLY B 159 14.86 -14.17 10.03
C GLY B 159 14.44 -14.90 11.33
N ILE B 160 13.62 -15.95 11.21
CA ILE B 160 13.08 -16.60 12.40
C ILE B 160 14.00 -17.60 13.14
N GLN B 161 14.91 -18.27 12.38
CA GLN B 161 15.90 -19.16 13.00
C GLN B 161 17.05 -18.38 13.61
N SER B 162 17.37 -17.21 13.04
CA SER B 162 18.33 -16.36 13.76
C SER B 162 17.73 -15.88 15.10
N LEU B 163 16.41 -16.11 15.31
CA LEU B 163 15.80 -15.91 16.65
C LEU B 163 15.72 -17.18 17.52
N TYR B 164 15.32 -18.31 16.95
CA TYR B 164 15.30 -19.56 17.74
C TYR B 164 16.11 -20.68 17.09
N GLY B 165 17.03 -20.34 16.18
CA GLY B 165 17.98 -21.30 15.63
C GLY B 165 17.32 -22.50 14.94
N PRO C 8 5.50 -19.92 -19.10
CA PRO C 8 5.51 -20.55 -20.46
C PRO C 8 6.01 -19.58 -21.55
N LYS C 9 5.67 -19.83 -22.82
CA LYS C 9 5.85 -18.88 -23.92
C LYS C 9 4.62 -19.06 -24.79
N TRP C 10 4.27 -18.08 -25.62
CA TRP C 10 3.14 -18.27 -26.53
C TRP C 10 3.54 -19.14 -27.73
N ARG C 11 2.58 -19.88 -28.30
CA ARG C 11 2.95 -20.62 -29.56
C ARG C 11 2.54 -20.00 -30.89
N LYS C 12 1.92 -18.82 -30.87
CA LYS C 12 1.79 -18.03 -32.08
C LYS C 12 2.77 -16.86 -31.96
N THR C 13 3.17 -16.24 -33.07
CA THR C 13 4.03 -15.03 -33.03
C THR C 13 3.26 -13.73 -33.26
N HIS C 14 2.07 -13.84 -33.83
CA HIS C 14 1.19 -12.68 -33.91
C HIS C 14 0.11 -12.72 -32.85
N LEU C 15 0.16 -11.74 -31.95
CA LEU C 15 -0.67 -11.66 -30.74
C LEU C 15 -1.63 -10.49 -30.82
N THR C 16 -2.83 -10.66 -30.24
CA THR C 16 -3.79 -9.56 -30.19
C THR C 16 -4.03 -9.07 -28.77
N TYR C 17 -4.51 -7.84 -28.66
CA TYR C 17 -4.81 -7.24 -27.37
C TYR C 17 -6.07 -6.38 -27.49
N ARG C 18 -6.74 -6.20 -26.35
CA ARG C 18 -7.90 -5.33 -26.25
C ARG C 18 -7.76 -4.52 -25.00
N ILE C 19 -7.89 -3.22 -25.13
CA ILE C 19 -8.07 -2.44 -23.94
C ILE C 19 -9.56 -2.51 -23.62
N VAL C 20 -9.91 -3.17 -22.51
CA VAL C 20 -11.32 -3.48 -22.26
C VAL C 20 -12.13 -2.29 -21.71
N ASN C 21 -11.49 -1.48 -20.86
CA ASN C 21 -12.14 -0.26 -20.32
C ASN C 21 -11.08 0.77 -19.99
N TYR C 22 -11.52 1.94 -19.53
CA TYR C 22 -10.59 3.01 -19.24
C TYR C 22 -10.70 3.57 -17.84
N THR C 23 -9.55 4.10 -17.43
CA THR C 23 -9.40 4.59 -16.10
C THR C 23 -9.85 6.04 -16.20
N PRO C 24 -10.50 6.58 -15.17
CA PRO C 24 -10.82 8.01 -15.18
C PRO C 24 -9.59 8.83 -14.81
N ASP C 25 -8.53 8.14 -14.42
CA ASP C 25 -7.29 8.81 -14.03
C ASP C 25 -6.68 9.60 -15.20
N LEU C 26 -6.73 9.03 -16.41
CA LEU C 26 -5.99 9.63 -17.53
C LEU C 26 -6.89 9.92 -18.69
N PRO C 27 -6.51 10.85 -19.58
CA PRO C 27 -7.14 10.95 -20.90
C PRO C 27 -7.11 9.61 -21.62
N ARG C 28 -8.13 9.36 -22.43
CA ARG C 28 -8.20 8.12 -23.22
C ARG C 28 -6.94 7.88 -24.02
N ASP C 29 -6.65 8.76 -24.97
CA ASP C 29 -5.48 8.58 -25.85
C ASP C 29 -4.12 8.43 -25.15
N ALA C 30 -3.97 9.07 -23.99
CA ALA C 30 -2.79 8.88 -23.13
C ALA C 30 -2.62 7.46 -22.59
N VAL C 31 -3.74 6.79 -22.34
CA VAL C 31 -3.73 5.42 -21.82
C VAL C 31 -3.26 4.50 -22.94
N ASP C 32 -3.90 4.71 -24.11
CA ASP C 32 -3.61 4.00 -25.33
C ASP C 32 -2.13 4.07 -25.65
N SER C 33 -1.56 5.22 -25.30
CA SER C 33 -0.16 5.56 -25.53
C SER C 33 0.79 4.74 -24.70
N ALA C 34 0.65 4.90 -23.38
CA ALA C 34 1.27 4.08 -22.36
C ALA C 34 1.33 2.62 -22.78
N ILE C 35 0.16 2.01 -23.01
CA ILE C 35 0.08 0.57 -23.34
C ILE C 35 0.76 0.20 -24.66
N GLU C 36 0.50 0.98 -25.72
CA GLU C 36 1.13 0.83 -27.03
C GLU C 36 2.66 0.92 -26.93
N LYS C 37 3.15 1.85 -26.12
CA LYS C 37 4.60 2.03 -25.92
C LYS C 37 5.24 0.83 -25.23
N ALA C 38 4.62 0.38 -24.13
CA ALA C 38 5.24 -0.71 -23.34
C ALA C 38 5.37 -1.93 -24.23
N LEU C 39 4.41 -2.08 -25.15
CA LEU C 39 4.35 -3.20 -26.09
C LEU C 39 5.48 -3.08 -27.12
N LYS C 40 5.81 -1.83 -27.46
CA LYS C 40 6.94 -1.58 -28.36
C LYS C 40 8.28 -1.90 -27.67
N VAL C 41 8.26 -2.03 -26.33
CA VAL C 41 9.50 -2.33 -25.59
C VAL C 41 9.76 -3.85 -25.58
N TRP C 42 8.76 -4.63 -25.99
CA TRP C 42 8.92 -6.08 -26.15
C TRP C 42 9.00 -6.49 -27.61
N GLU C 43 8.38 -5.68 -28.46
CA GLU C 43 8.45 -5.90 -29.89
C GLU C 43 9.91 -5.81 -30.35
N GLU C 44 10.64 -4.88 -29.75
CA GLU C 44 12.04 -4.62 -30.04
C GLU C 44 12.96 -5.84 -29.93
N VAL C 45 12.67 -6.72 -28.96
CA VAL C 45 13.57 -7.85 -28.64
C VAL C 45 12.88 -9.21 -28.80
N THR C 46 11.84 -9.23 -29.63
CA THR C 46 11.16 -10.47 -30.04
C THR C 46 10.73 -10.36 -31.51
N PRO C 47 10.59 -11.50 -32.18
CA PRO C 47 9.81 -11.58 -33.41
C PRO C 47 8.31 -11.34 -33.11
N LEU C 48 7.89 -11.59 -31.85
CA LEU C 48 6.47 -11.33 -31.51
C LEU C 48 5.95 -10.04 -32.12
N THR C 49 4.75 -10.13 -32.67
CA THR C 49 3.97 -8.96 -33.06
C THR C 49 2.65 -8.92 -32.30
N PHE C 50 2.07 -7.72 -32.27
CA PHE C 50 0.92 -7.37 -31.43
C PHE C 50 -0.07 -6.51 -32.24
N SER C 51 -1.36 -6.86 -32.15
CA SER C 51 -2.43 -6.25 -32.98
C SER C 51 -3.64 -5.91 -32.12
N ARG C 52 -4.35 -4.83 -32.45
CA ARG C 52 -5.38 -4.40 -31.52
C ARG C 52 -6.77 -4.88 -31.92
N LEU C 53 -7.45 -5.57 -31.01
CA LEU C 53 -8.88 -5.84 -31.20
C LEU C 53 -9.69 -4.81 -30.39
N TYR C 54 -10.93 -4.53 -30.81
CA TYR C 54 -11.77 -3.49 -30.14
C TYR C 54 -13.04 -4.05 -29.60
N GLU C 55 -13.38 -5.23 -30.11
CA GLU C 55 -14.40 -6.11 -29.57
C GLU C 55 -13.84 -7.53 -29.72
N GLY C 56 -14.48 -8.51 -29.11
CA GLY C 56 -13.98 -9.89 -29.23
C GLY C 56 -13.01 -10.29 -28.11
N GLU C 57 -12.57 -11.54 -28.13
CA GLU C 57 -11.53 -12.02 -27.22
C GLU C 57 -10.11 -11.96 -27.77
N ALA C 58 -9.35 -10.92 -27.34
CA ALA C 58 -7.92 -10.84 -27.65
C ALA C 58 -7.16 -11.83 -26.78
N ASP C 59 -6.02 -12.31 -27.26
CA ASP C 59 -5.14 -13.12 -26.42
C ASP C 59 -5.06 -12.38 -25.09
N ILE C 60 -4.55 -11.15 -25.12
CA ILE C 60 -4.28 -10.41 -23.90
C ILE C 60 -5.32 -9.34 -23.70
N MET C 61 -6.01 -9.43 -22.57
CA MET C 61 -7.07 -8.51 -22.32
C MET C 61 -6.59 -7.60 -21.23
N ILE C 62 -6.84 -6.30 -21.36
CA ILE C 62 -6.33 -5.38 -20.36
C ILE C 62 -7.45 -4.54 -19.78
N SER C 63 -7.51 -4.47 -18.45
CA SER C 63 -8.53 -3.60 -17.85
C SER C 63 -8.13 -3.02 -16.53
N PHE C 64 -9.00 -2.11 -16.08
CA PHE C 64 -8.84 -1.37 -14.86
C PHE C 64 -9.96 -1.85 -13.95
N ALA C 65 -9.62 -2.07 -12.67
CA ALA C 65 -10.61 -2.44 -11.66
C ALA C 65 -10.15 -2.20 -10.25
N VAL C 66 -11.12 -2.33 -9.35
CA VAL C 66 -11.01 -1.85 -7.99
C VAL C 66 -11.46 -3.01 -7.11
N LYS C 67 -10.63 -3.37 -6.12
CA LYS C 67 -11.00 -4.46 -5.18
C LYS C 67 -11.47 -5.74 -5.92
N GLU C 68 -12.69 -6.26 -5.70
CA GLU C 68 -13.10 -7.51 -6.36
C GLU C 68 -13.55 -7.29 -7.80
N HIS C 69 -12.92 -8.04 -8.71
CA HIS C 69 -13.12 -7.83 -10.12
C HIS C 69 -13.41 -9.09 -10.94
N GLY C 70 -13.68 -10.21 -10.28
CA GLY C 70 -14.16 -11.35 -11.05
C GLY C 70 -13.15 -12.44 -11.33
N ASP C 71 -11.84 -12.20 -11.30
CA ASP C 71 -10.97 -13.39 -11.28
C ASP C 71 -10.91 -13.82 -9.79
N ASN C 72 -9.95 -14.64 -9.35
CA ASN C 72 -10.17 -14.88 -7.92
C ASN C 72 -9.41 -13.98 -6.94
N TYR C 73 -8.83 -12.92 -7.49
CA TYR C 73 -7.79 -12.19 -6.73
C TYR C 73 -8.10 -10.73 -6.70
N SER C 74 -8.72 -10.22 -5.63
CA SER C 74 -9.03 -8.79 -5.63
C SER C 74 -7.81 -7.93 -5.48
N PHE C 75 -7.98 -6.71 -5.98
CA PHE C 75 -7.17 -5.57 -5.52
C PHE C 75 -7.45 -5.13 -4.07
N ASP C 76 -6.68 -4.18 -3.56
CA ASP C 76 -6.55 -4.03 -2.11
C ASP C 76 -6.43 -2.58 -1.73
N GLY C 77 -6.89 -1.72 -2.63
CA GLY C 77 -6.98 -0.31 -2.35
C GLY C 77 -5.73 0.45 -2.71
N PRO C 78 -5.70 1.70 -2.26
CA PRO C 78 -4.47 2.49 -2.27
C PRO C 78 -3.39 1.72 -1.54
N GLY C 79 -2.26 1.64 -2.22
CA GLY C 79 -1.11 0.97 -1.66
C GLY C 79 -1.21 -0.52 -1.92
N HIS C 80 -0.18 -1.23 -1.47
CA HIS C 80 -0.21 -2.69 -1.56
C HIS C 80 0.04 -2.99 -3.04
N SER C 81 -0.67 -3.94 -3.66
CA SER C 81 -0.28 -4.30 -5.03
C SER C 81 -0.88 -3.35 -6.07
N LEU C 82 -0.18 -3.12 -7.20
CA LEU C 82 -0.56 -2.12 -8.22
C LEU C 82 -1.25 -2.71 -9.46
N ALA C 83 -0.83 -3.92 -9.82
CA ALA C 83 -1.29 -4.57 -11.01
C ALA C 83 -0.93 -6.03 -10.89
N HIS C 84 -1.75 -6.88 -11.51
CA HIS C 84 -1.32 -8.23 -11.86
C HIS C 84 -1.61 -8.62 -13.32
N ALA C 85 -1.05 -9.78 -13.69
CA ALA C 85 -1.02 -10.21 -15.07
C ALA C 85 -0.64 -11.71 -15.09
N TYR C 86 -1.22 -12.44 -16.05
CA TYR C 86 -1.20 -13.90 -16.08
C TYR C 86 -0.23 -14.47 -17.12
N PRO C 87 0.52 -15.53 -16.82
CA PRO C 87 1.37 -16.09 -17.88
C PRO C 87 0.57 -16.55 -19.12
N PRO C 88 1.29 -16.93 -20.16
CA PRO C 88 0.67 -17.27 -21.45
C PRO C 88 -0.39 -18.40 -21.38
N GLY C 89 -1.03 -18.64 -22.52
CA GLY C 89 -2.01 -19.70 -22.64
C GLY C 89 -3.39 -19.14 -22.92
N PRO C 90 -4.39 -20.03 -22.93
CA PRO C 90 -5.81 -19.66 -23.07
C PRO C 90 -6.50 -19.06 -21.85
N GLY C 91 -7.40 -18.10 -22.11
CA GLY C 91 -8.46 -17.72 -21.18
C GLY C 91 -8.23 -16.42 -20.41
N LEU C 92 -8.33 -16.52 -19.08
CA LEU C 92 -7.77 -15.51 -18.20
C LEU C 92 -6.26 -15.34 -18.43
N TYR C 93 -5.62 -16.41 -18.90
CA TYR C 93 -4.17 -16.35 -19.17
C TYR C 93 -3.81 -15.36 -20.28
N GLY C 94 -2.70 -14.65 -20.08
CA GLY C 94 -2.27 -13.58 -20.96
C GLY C 94 -2.78 -12.24 -20.42
N ASP C 95 -3.84 -12.25 -19.62
CA ASP C 95 -4.54 -11.01 -19.27
C ASP C 95 -3.79 -10.11 -18.28
N ILE C 96 -4.15 -8.82 -18.30
CA ILE C 96 -3.53 -7.79 -17.43
C ILE C 96 -4.53 -6.91 -16.66
N HIS C 97 -4.44 -6.93 -15.33
CA HIS C 97 -5.29 -6.02 -14.57
C HIS C 97 -4.47 -4.96 -13.82
N PHE C 98 -4.96 -3.73 -13.91
CA PHE C 98 -4.42 -2.57 -13.20
C PHE C 98 -5.34 -2.21 -12.01
N ASP C 99 -4.73 -1.86 -10.85
CA ASP C 99 -5.55 -1.43 -9.71
C ASP C 99 -5.90 0.04 -9.78
N ASP C 100 -7.18 0.34 -9.81
CA ASP C 100 -7.58 1.72 -9.99
C ASP C 100 -7.82 2.49 -8.69
N ASP C 101 -7.56 1.84 -7.55
CA ASP C 101 -7.42 2.60 -6.32
C ASP C 101 -6.03 3.26 -6.26
N GLU C 102 -5.09 2.84 -7.13
CA GLU C 102 -3.86 3.61 -7.38
C GLU C 102 -4.14 4.79 -8.33
N LYS C 103 -3.42 5.89 -8.14
CA LYS C 103 -3.46 7.00 -9.11
C LYS C 103 -2.36 6.87 -10.18
N TRP C 104 -2.85 6.81 -11.43
CA TRP C 104 -2.11 6.35 -12.59
C TRP C 104 -1.81 7.55 -13.42
N THR C 105 -0.54 7.69 -13.81
CA THR C 105 -0.18 8.84 -14.64
C THR C 105 0.65 8.55 -15.89
N GLU C 106 0.87 9.63 -16.61
CA GLU C 106 1.65 9.67 -17.82
C GLU C 106 3.08 10.17 -17.48
N ASP C 107 3.41 10.19 -16.19
CA ASP C 107 4.75 10.60 -15.76
C ASP C 107 5.15 9.97 -14.42
N ALA C 108 6.21 10.52 -13.84
CA ALA C 108 6.63 10.20 -12.46
C ALA C 108 5.70 10.70 -11.34
N SER C 109 4.65 11.47 -11.68
CA SER C 109 3.80 12.10 -10.64
C SER C 109 3.07 11.08 -9.76
N GLY C 110 2.42 10.10 -10.40
CA GLY C 110 1.75 9.05 -9.63
C GLY C 110 2.34 7.70 -10.01
N THR C 111 1.53 6.65 -9.94
CA THR C 111 1.98 5.39 -10.51
C THR C 111 1.86 5.41 -12.05
N ASN C 112 3.03 5.46 -12.66
CA ASN C 112 3.17 5.64 -14.08
C ASN C 112 2.63 4.42 -14.77
N LEU C 113 1.63 4.62 -15.63
CA LEU C 113 1.02 3.52 -16.37
C LEU C 113 2.01 2.77 -17.28
N PHE C 114 2.78 3.50 -18.09
CA PHE C 114 3.76 2.90 -19.03
C PHE C 114 4.72 1.94 -18.33
N LEU C 115 5.34 2.40 -17.25
CA LEU C 115 6.25 1.55 -16.46
C LEU C 115 5.53 0.31 -15.98
N VAL C 116 4.40 0.52 -15.32
CA VAL C 116 3.72 -0.60 -14.69
C VAL C 116 3.25 -1.59 -15.76
N ALA C 117 2.80 -1.05 -16.89
CA ALA C 117 2.39 -1.89 -18.03
C ALA C 117 3.52 -2.68 -18.71
N ALA C 118 4.77 -2.21 -18.67
CA ALA C 118 5.86 -2.93 -19.32
C ALA C 118 6.26 -4.21 -18.57
N HIS C 119 6.29 -4.08 -17.24
CA HIS C 119 6.45 -5.16 -16.26
C HIS C 119 5.30 -6.19 -16.33
N GLU C 120 4.05 -5.75 -16.49
CA GLU C 120 2.92 -6.68 -16.55
C GLU C 120 2.92 -7.51 -17.83
N LEU C 121 3.17 -6.85 -18.97
CA LEU C 121 3.33 -7.52 -20.26
C LEU C 121 4.50 -8.52 -20.26
N GLY C 122 5.54 -8.25 -19.45
CA GLY C 122 6.67 -9.16 -19.28
C GLY C 122 6.24 -10.49 -18.61
N HIS C 123 5.37 -10.39 -17.60
CA HIS C 123 4.68 -11.55 -17.03
C HIS C 123 3.80 -12.27 -18.08
N SER C 124 3.05 -11.45 -18.84
CA SER C 124 2.10 -11.93 -19.88
C SER C 124 2.70 -12.80 -20.97
N LEU C 125 3.98 -12.58 -21.30
CA LEU C 125 4.67 -13.40 -22.30
C LEU C 125 5.57 -14.50 -21.70
N GLY C 126 5.48 -14.76 -20.37
CA GLY C 126 6.25 -15.89 -19.80
C GLY C 126 7.50 -15.61 -18.94
N LEU C 127 7.66 -14.37 -18.49
CA LEU C 127 8.76 -13.98 -17.59
C LEU C 127 8.24 -13.84 -16.17
N PHE C 128 9.06 -14.23 -15.18
CA PHE C 128 8.67 -14.01 -13.79
C PHE C 128 9.57 -12.91 -13.20
N HIS C 129 9.46 -12.66 -11.88
CA HIS C 129 10.32 -11.69 -11.20
C HIS C 129 11.77 -12.04 -11.15
N SER C 130 12.59 -10.98 -11.11
CA SER C 130 14.01 -11.12 -11.13
C SER C 130 14.63 -10.39 -9.94
N ALA C 131 15.85 -10.81 -9.60
CA ALA C 131 16.45 -10.49 -8.31
C ALA C 131 17.30 -9.22 -8.43
N ASN C 132 17.74 -9.01 -9.68
CA ASN C 132 18.52 -7.86 -10.13
C ASN C 132 17.69 -6.60 -9.90
N THR C 133 18.27 -5.62 -9.24
CA THR C 133 17.44 -4.51 -8.75
C THR C 133 17.22 -3.40 -9.83
N GLU C 134 17.87 -3.58 -10.99
CA GLU C 134 17.69 -2.71 -12.16
C GLU C 134 16.70 -3.26 -13.17
N ALA C 135 16.14 -4.42 -12.89
CA ALA C 135 15.31 -5.09 -13.86
C ALA C 135 13.86 -4.59 -13.75
N LEU C 136 13.39 -3.92 -14.83
CA LEU C 136 11.89 -3.84 -15.02
C LEU C 136 11.14 -4.94 -14.26
N MET C 137 11.53 -6.19 -14.49
CA MET C 137 10.87 -7.38 -13.89
C MET C 137 11.02 -7.63 -12.39
N TYR C 138 11.81 -6.83 -11.62
CA TYR C 138 12.09 -7.27 -10.24
C TYR C 138 10.95 -6.97 -9.25
N PRO C 139 9.61 -6.72 -9.04
CA PRO C 139 9.24 -5.28 -8.76
C PRO C 139 10.39 -4.49 -9.21
N LEU C 140 10.21 -3.66 -10.23
CA LEU C 140 11.02 -2.36 -10.11
C LEU C 140 10.26 -1.64 -8.95
N TYR C 141 9.05 -1.08 -9.26
CA TYR C 141 8.59 0.17 -8.67
C TYR C 141 9.51 1.15 -7.99
N ASN C 142 10.35 1.70 -8.89
CA ASN C 142 11.21 2.85 -8.68
C ASN C 142 10.43 4.07 -9.11
N SER C 143 10.90 5.27 -8.65
CA SER C 143 10.24 6.48 -9.09
C SER C 143 11.15 7.17 -10.10
N LEU C 147 12.34 8.89 -17.66
CA LEU C 147 11.74 7.80 -18.48
C LEU C 147 12.08 7.98 -19.98
N ALA C 148 12.55 9.16 -20.33
CA ALA C 148 13.16 9.41 -21.63
C ALA C 148 14.47 8.64 -21.66
N GLN C 149 15.04 8.42 -20.48
CA GLN C 149 16.05 7.37 -20.28
C GLN C 149 15.31 6.03 -20.04
N PHE C 150 14.59 5.53 -21.05
CA PHE C 150 14.13 4.14 -21.01
C PHE C 150 14.74 3.15 -22.00
N ARG C 151 15.06 1.99 -21.43
CA ARG C 151 15.83 0.91 -22.04
C ARG C 151 15.71 -0.33 -21.18
N LEU C 152 15.21 -1.44 -21.75
CA LEU C 152 15.18 -2.72 -21.03
C LEU C 152 16.56 -3.09 -20.50
N SER C 153 16.63 -3.59 -19.26
CA SER C 153 17.90 -4.08 -18.71
C SER C 153 18.30 -5.41 -19.36
N GLN C 154 19.60 -5.73 -19.37
CA GLN C 154 20.11 -6.93 -20.05
C GLN C 154 19.50 -8.22 -19.51
N ASP C 155 19.25 -8.24 -18.19
CA ASP C 155 18.64 -9.41 -17.58
C ASP C 155 17.27 -9.60 -18.24
N ASP C 156 16.53 -8.49 -18.40
CA ASP C 156 15.22 -8.48 -19.06
C ASP C 156 15.26 -9.10 -20.46
N VAL C 157 16.18 -8.61 -21.29
CA VAL C 157 16.29 -9.09 -22.68
C VAL C 157 16.67 -10.58 -22.65
N ASN C 158 17.83 -10.92 -22.08
CA ASN C 158 18.19 -12.33 -21.78
C ASN C 158 16.98 -13.19 -21.43
N GLY C 159 16.08 -12.65 -20.60
CA GLY C 159 14.92 -13.38 -20.14
C GLY C 159 14.00 -13.78 -21.28
N ILE C 160 13.67 -12.82 -22.14
CA ILE C 160 12.66 -13.04 -23.18
C ILE C 160 13.20 -13.73 -24.44
N GLN C 161 14.52 -13.61 -24.71
CA GLN C 161 15.12 -14.32 -25.83
C GLN C 161 15.06 -15.82 -25.68
N SER C 162 15.41 -16.31 -24.51
CA SER C 162 15.58 -17.77 -24.39
C SER C 162 14.22 -18.40 -24.12
N LEU C 163 13.19 -17.58 -24.39
CA LEU C 163 11.80 -18.00 -24.47
C LEU C 163 11.39 -17.95 -25.95
N TYR C 164 11.64 -16.80 -26.58
CA TYR C 164 11.19 -16.52 -27.96
C TYR C 164 12.28 -16.44 -29.06
N GLY C 165 13.50 -16.83 -28.73
CA GLY C 165 14.63 -16.69 -29.69
C GLY C 165 15.29 -15.33 -29.58
ZN ZN D . -1.92 11.84 0.17
ZN ZN E . -11.77 19.69 -0.27
CA CA F . -13.59 10.01 5.33
CA CA G . -4.03 28.56 -1.72
CA CA H . -14.61 14.85 13.62
C1 NGH I . -4.54 11.18 4.24
C2 NGH I . -3.14 11.56 4.80
C3 NGH I . -1.99 10.54 4.91
C4 NGH I . -2.30 9.04 4.52
C5 NGH I . -3.71 8.65 3.92
C6 NGH I . -4.85 9.67 3.89
O1 NGH I . -1.30 10.69 6.30
C7 NGH I . -0.15 9.78 6.45
S1 NGH I . -6.07 9.39 2.66
O2 NGH I . -6.13 7.81 2.69
O3 NGH I . -7.54 9.77 3.31
N NGH I . -5.90 9.72 1.09
C9 NGH I . -5.21 8.86 0.13
C10 NGH I . -6.49 11.11 0.58
C11 NGH I . -5.27 12.08 0.06
N1 NGH I . -4.72 12.74 1.26
O4 NGH I . -3.46 12.67 1.50
O5 NGH I . -4.27 11.40 -0.68
C12 NGH I . -6.16 7.87 -0.69
C13 NGH I . -5.61 7.75 -2.13
C14 NGH I . -7.71 8.15 -0.72
ZN ZN J . 3.46 -6.33 9.68
ZN ZN K . -4.99 -3.40 18.46
CA CA L . -8.49 -1.05 8.06
CA CA M . -0.18 -11.67 25.27
CA CA N . -15.26 -7.95 8.37
C1 NGH O . 0.48 -5.61 5.41
C2 NGH O . 0.89 -6.99 4.93
C3 NGH O . 0.41 -8.21 5.67
C4 NGH O . -0.56 -8.16 6.87
C5 NGH O . -0.96 -6.76 7.36
C6 NGH O . -0.30 -5.51 6.71
O1 NGH O . 0.09 -9.36 4.63
C7 NGH O . 0.87 -10.79 5.08
S1 NGH O . -0.89 -3.92 7.01
O2 NGH O . -2.06 -4.01 8.03
O3 NGH O . -1.44 -3.24 5.66
N NGH O . 0.37 -3.00 7.45
C9 NGH O . 1.00 -1.99 6.58
C10 NGH O . 1.11 -3.13 8.87
C11 NGH O . 1.93 -4.41 9.24
N1 NGH O . 0.99 -5.41 9.86
O4 NGH O . 1.56 -6.40 10.44
O5 NGH O . 2.79 -4.98 8.23
C12 NGH O . 0.75 -0.53 7.09
C13 NGH O . 0.03 0.32 6.02
C14 NGH O . 2.05 0.20 7.47
ZN ZN P . 5.34 -8.18 -11.12
ZN ZN Q . -7.29 -9.56 -11.54
CA CA R . -3.43 -1.72 -4.41
CA CA S . -6.06 -13.93 -22.44
CA CA T . -7.12 5.76 -10.00
C1 NGH U . 5.89 -3.26 -8.73
C2 NGH U . 6.46 -2.51 -9.99
C3 NGH U . 5.68 -2.46 -11.34
C4 NGH U . 4.39 -3.26 -11.50
C5 NGH U . 3.80 -4.02 -10.22
C6 NGH U . 4.61 -4.15 -8.87
O1 NGH U . 6.69 -2.77 -12.55
C7 NGH U . 7.92 -2.10 -12.24
S1 NGH U . 3.59 -4.56 -7.52
O2 NGH U . 2.51 -3.52 -7.06
O3 NGH U . 4.56 -4.91 -6.27
N NGH U . 3.05 -5.95 -8.02
C9 NGH U . 1.31 -6.49 -8.01
C10 NGH U . 4.02 -6.95 -8.31
C11 NGH U . 3.94 -7.81 -9.64
N1 NGH U . 2.80 -7.13 -10.66
O4 NGH U . 3.17 -7.56 -11.83
O5 NGH U . 3.28 -9.25 -9.57
C12 NGH U . 1.35 -7.89 -7.01
C13 NGH U . 0.00 -8.63 -7.03
C14 NGH U . 2.13 -7.75 -5.68
#